data_5A19
#
_entry.id   5A19
#
_cell.length_a   66.220
_cell.length_b   95.490
_cell.length_c   117.700
_cell.angle_alpha   90.00
_cell.angle_beta   90.00
_cell.angle_gamma   90.00
#
_symmetry.space_group_name_H-M   'I 2 2 2'
#
loop_
_entity.id
_entity.type
_entity.pdbx_description
1 polymer 'S-ADENOSYLMETHIONINE SYNTHASE ISOFORM TYPE-2'
2 non-polymer DI(HYDROXYETHYL)ETHER
3 non-polymer '(DIPHOSPHONO)AMINOPHOSPHONIC ACID'
4 non-polymer 1,2-ETHANEDIOL
5 non-polymer 'TETRAETHYLENE GLYCOL'
6 non-polymer 'MAGNESIUM ION'
7 non-polymer 'POTASSIUM ION'
8 water water
#
_entity_poly.entity_id   1
_entity_poly.type   'polypeptide(L)'
_entity_poly.pdbx_seq_one_letter_code
;MNGQLNGFHEAFIEEGTFLFTSESVGEGHPDKICDQISDAVLDAHLQQDPDAKVACETVAKTGMILLAGEITSRAAVDYQ
KVVREAVKHIGYDDSSKGFDYKTCNVLVALEQQSPDIAQGVHLDRNEEDIGAGDQGLMFGYATDETEECMPLTIVLAHKL
NAKLAELRRNGTLPWLRPDSKTQVTVQYMQDRGAVLPIRVHTIVISVQHDEEVCLDEMRDALKEKVIKAVVPAKYLDEDT
IYHLQPSGRFVIGGPQGDAGLTGRKIIVDTYGGWGAHGGGAFSGKDYTKVDRSAAYAARWVAKSLVKGGLCRRVLVQVSY
AIGVSHPLSISIFHYGTSQKSERELLEIVKKNFDLRPGVIVRDLDLKKPIYQRTAAYGHFGRDSFPWEVPKKLKY
;
_entity_poly.pdbx_strand_id   A
#
# COMPACT_ATOMS: atom_id res chain seq x y z
N GLY A 16 4.30 -2.65 31.67
CA GLY A 16 5.23 -2.63 30.49
C GLY A 16 4.58 -2.85 29.13
N THR A 17 3.30 -2.48 28.99
CA THR A 17 2.58 -2.59 27.72
C THR A 17 2.43 -1.21 27.08
N PHE A 18 2.11 -1.20 25.78
CA PHE A 18 1.84 0.03 25.04
C PHE A 18 0.81 -0.16 23.96
N LEU A 19 0.09 0.91 23.62
CA LEU A 19 -0.84 0.89 22.51
C LEU A 19 -0.13 1.36 21.23
N PHE A 20 -0.54 0.79 20.09
CA PHE A 20 -0.11 1.28 18.78
C PHE A 20 -1.25 1.16 17.79
N THR A 21 -1.41 2.18 16.96
CA THR A 21 -2.55 2.31 16.06
C THR A 21 -2.11 2.44 14.60
N SER A 22 -2.83 1.76 13.70
CA SER A 22 -2.62 1.88 12.24
C SER A 22 -3.97 1.90 11.55
N GLU A 23 -4.02 2.53 10.35
CA GLU A 23 -5.24 2.60 9.54
C GLU A 23 -5.05 2.00 8.15
N SER A 24 -6.17 1.71 7.49
CA SER A 24 -6.18 1.40 6.06
C SER A 24 -7.45 1.98 5.45
N VAL A 25 -7.50 1.99 4.13
CA VAL A 25 -8.70 2.47 3.41
C VAL A 25 -9.02 1.52 2.26
N GLY A 26 -10.29 1.53 1.87
CA GLY A 26 -10.77 0.65 0.80
C GLY A 26 -10.45 1.18 -0.57
N GLU A 27 -10.77 0.36 -1.56
CA GLU A 27 -10.52 0.69 -2.97
C GLU A 27 -11.25 1.94 -3.47
N GLY A 28 -12.43 2.17 -2.93
CA GLY A 28 -13.26 3.33 -3.31
C GLY A 28 -12.96 4.63 -2.61
N HIS A 29 -12.03 4.62 -1.66
CA HIS A 29 -11.56 5.85 -1.05
C HIS A 29 -10.83 6.68 -2.11
N PRO A 30 -11.12 7.99 -2.20
CA PRO A 30 -10.71 8.80 -3.37
C PRO A 30 -9.19 8.86 -3.62
N ASP A 31 -8.41 8.96 -2.55
CA ASP A 31 -6.95 8.87 -2.65
C ASP A 31 -6.53 7.54 -3.27
N LYS A 32 -7.16 6.47 -2.80
CA LYS A 32 -6.82 5.13 -3.29
C LYS A 32 -7.33 4.89 -4.72
N ILE A 33 -8.43 5.54 -5.12
CA ILE A 33 -8.90 5.52 -6.51
C ILE A 33 -7.78 6.03 -7.42
N CYS A 34 -7.20 7.17 -7.02
CA CYS A 34 -6.13 7.80 -7.76
C CYS A 34 -4.86 6.94 -7.86
N ASP A 35 -4.53 6.23 -6.79
CA ASP A 35 -3.39 5.30 -6.80
C ASP A 35 -3.61 4.17 -7.80
N GLN A 36 -4.79 3.57 -7.77
CA GLN A 36 -5.13 2.47 -8.68
C GLN A 36 -5.19 2.89 -10.14
N ILE A 37 -5.72 4.09 -10.41
CA ILE A 37 -5.75 4.65 -11.78
C ILE A 37 -4.33 4.95 -12.27
N SER A 38 -3.51 5.55 -11.41
CA SER A 38 -2.12 5.87 -11.75
C SER A 38 -1.37 4.61 -12.12
N ASP A 39 -1.63 3.53 -11.40
CA ASP A 39 -1.02 2.23 -11.69
C ASP A 39 -1.65 1.51 -12.88
N ALA A 40 -2.94 1.70 -13.10
CA ALA A 40 -3.61 1.24 -14.33
C ALA A 40 -2.96 1.88 -15.54
N VAL A 41 -2.65 3.18 -15.45
CA VAL A 41 -1.92 3.87 -16.53
C VAL A 41 -0.50 3.31 -16.71
N LEU A 42 0.23 3.12 -15.63
CA LEU A 42 1.59 2.55 -15.68
C LEU A 42 1.60 1.14 -16.32
N ASP A 43 0.69 0.28 -15.87
CA ASP A 43 0.54 -1.07 -16.43
C ASP A 43 0.25 -1.03 -17.93
N ALA A 44 -0.64 -0.12 -18.35
CA ALA A 44 -1.01 0.01 -19.76
C ALA A 44 0.20 0.36 -20.63
N HIS A 45 1.06 1.25 -20.16
CA HIS A 45 2.27 1.61 -20.90
C HIS A 45 3.25 0.44 -20.96
N LEU A 46 3.45 -0.23 -19.83
CA LEU A 46 4.42 -1.32 -19.75
C LEU A 46 4.02 -2.53 -20.60
N GLN A 47 2.71 -2.77 -20.77
CA GLN A 47 2.21 -3.83 -21.68
C GLN A 47 2.72 -3.67 -23.11
N GLN A 48 2.89 -2.41 -23.55
CA GLN A 48 3.38 -2.11 -24.90
C GLN A 48 4.88 -1.80 -24.93
N ASP A 49 5.38 -1.12 -23.89
CA ASP A 49 6.77 -0.71 -23.80
C ASP A 49 7.33 -0.98 -22.39
N PRO A 50 8.02 -2.12 -22.20
CA PRO A 50 8.66 -2.43 -20.92
C PRO A 50 9.59 -1.34 -20.37
N ASP A 51 10.15 -0.52 -21.25
CA ASP A 51 11.04 0.57 -20.86
C ASP A 51 10.34 1.93 -20.70
N ALA A 52 9.01 1.97 -20.67
CA ALA A 52 8.27 3.20 -20.38
C ALA A 52 8.73 3.88 -19.08
N LYS A 53 8.98 5.18 -19.15
CA LYS A 53 9.23 6.02 -17.96
C LYS A 53 7.95 6.77 -17.68
N VAL A 54 7.37 6.58 -16.49
CA VAL A 54 6.03 7.12 -16.16
C VAL A 54 6.07 7.83 -14.82
N ALA A 55 5.52 9.03 -14.76
CA ALA A 55 5.25 9.73 -13.52
C ALA A 55 3.83 10.26 -13.66
N CYS A 56 2.85 9.38 -13.45
CA CYS A 56 1.46 9.70 -13.64
C CYS A 56 0.77 10.04 -12.33
N GLU A 57 0.32 11.28 -12.20
CA GLU A 57 -0.48 11.70 -11.05
C GLU A 57 -1.93 11.74 -11.44
N THR A 58 -2.80 11.36 -10.50
CA THR A 58 -4.23 11.37 -10.72
C THR A 58 -4.88 12.22 -9.64
N VAL A 59 -5.98 12.88 -10.05
CA VAL A 59 -6.78 13.73 -9.19
C VAL A 59 -8.23 13.34 -9.40
N ALA A 60 -8.99 13.21 -8.31
CA ALA A 60 -10.41 12.83 -8.36
C ALA A 60 -11.24 13.79 -7.53
N LYS A 61 -12.34 14.25 -8.11
CA LYS A 61 -13.31 15.08 -7.41
C LYS A 61 -14.65 14.79 -8.04
N THR A 62 -15.73 15.34 -7.49
CA THR A 62 -17.07 15.15 -8.05
C THR A 62 -17.04 15.15 -9.57
N GLY A 63 -17.35 14.01 -10.15
CA GLY A 63 -17.45 13.87 -11.59
C GLY A 63 -16.20 14.01 -12.42
N MET A 64 -15.02 14.06 -11.79
CA MET A 64 -13.77 14.29 -12.51
C MET A 64 -12.68 13.30 -12.14
N ILE A 65 -11.99 12.81 -13.18
CA ILE A 65 -10.66 12.24 -13.04
C ILE A 65 -9.72 13.02 -13.96
N LEU A 66 -8.66 13.58 -13.39
CA LEU A 66 -7.63 14.28 -14.14
C LEU A 66 -6.28 13.57 -14.00
N LEU A 67 -5.62 13.34 -15.13
CA LEU A 67 -4.27 12.79 -15.18
C LEU A 67 -3.26 13.88 -15.54
N ALA A 68 -2.17 13.96 -14.78
CA ALA A 68 -1.09 14.91 -15.04
C ALA A 68 0.26 14.27 -14.77
N GLY A 69 1.28 14.65 -15.52
CA GLY A 69 2.61 14.08 -15.37
C GLY A 69 3.38 13.96 -16.66
N GLU A 70 4.53 13.29 -16.58
CA GLU A 70 5.51 13.20 -17.68
C GLU A 70 5.73 11.74 -18.03
N ILE A 71 5.69 11.42 -19.32
CA ILE A 71 5.90 10.05 -19.79
C ILE A 71 6.90 9.99 -20.97
N THR A 72 7.83 9.04 -20.90
CA THR A 72 8.68 8.68 -22.02
C THR A 72 8.33 7.24 -22.38
N SER A 73 7.72 7.04 -23.54
CA SER A 73 7.13 5.74 -23.90
C SER A 73 6.85 5.66 -25.41
N ARG A 74 6.88 4.44 -25.94
CA ARG A 74 6.44 4.15 -27.32
C ARG A 74 4.99 3.68 -27.38
N ALA A 75 4.35 3.54 -26.21
CA ALA A 75 2.98 3.08 -26.15
C ALA A 75 1.97 4.14 -26.58
N ALA A 76 0.88 3.67 -27.18
CA ALA A 76 -0.28 4.46 -27.50
C ALA A 76 -1.39 3.91 -26.62
N VAL A 77 -1.75 4.66 -25.59
CA VAL A 77 -2.64 4.19 -24.54
C VAL A 77 -3.95 4.95 -24.64
N ASP A 78 -5.06 4.20 -24.57
CA ASP A 78 -6.40 4.79 -24.58
C ASP A 78 -6.77 5.17 -23.15
N TYR A 79 -6.49 6.42 -22.79
CA TYR A 79 -6.69 6.90 -21.41
C TYR A 79 -8.14 6.87 -20.95
N GLN A 80 -9.08 7.14 -21.86
CA GLN A 80 -10.50 7.08 -21.56
C GLN A 80 -10.90 5.64 -21.18
N LYS A 81 -10.44 4.65 -21.95
CA LYS A 81 -10.74 3.25 -21.68
C LYS A 81 -10.07 2.72 -20.40
N VAL A 82 -8.80 3.06 -20.18
CA VAL A 82 -8.04 2.59 -19.01
C VAL A 82 -8.61 3.13 -17.68
N VAL A 83 -8.85 4.43 -17.64
CA VAL A 83 -9.37 5.12 -16.46
C VAL A 83 -10.76 4.60 -16.11
N ARG A 84 -11.65 4.58 -17.10
CA ARG A 84 -13.05 4.18 -16.90
C ARG A 84 -13.20 2.71 -16.47
N GLU A 85 -12.39 1.82 -17.05
CA GLU A 85 -12.39 0.41 -16.62
C GLU A 85 -11.88 0.23 -15.18
N ALA A 86 -10.89 1.02 -14.80
CA ALA A 86 -10.40 1.03 -13.42
C ALA A 86 -11.48 1.49 -12.43
N VAL A 87 -12.28 2.48 -12.82
CA VAL A 87 -13.35 2.98 -11.94
C VAL A 87 -14.51 1.97 -11.87
N LYS A 88 -14.77 1.28 -12.98
CA LYS A 88 -15.73 0.18 -13.01
C LYS A 88 -15.31 -0.96 -12.07
N HIS A 89 -14.05 -1.39 -12.15
CA HIS A 89 -13.54 -2.44 -11.25
C HIS A 89 -13.75 -2.10 -9.77
N ILE A 90 -13.43 -0.87 -9.40
CA ILE A 90 -13.61 -0.35 -8.05
C ILE A 90 -15.07 -0.45 -7.58
N GLY A 91 -16.02 -0.16 -8.48
CA GLY A 91 -17.46 -0.33 -8.22
C GLY A 91 -18.34 0.90 -8.36
N TYR A 92 -17.77 2.02 -8.85
CA TYR A 92 -18.53 3.24 -9.07
C TYR A 92 -19.14 3.22 -10.47
N ASP A 93 -20.39 2.77 -10.55
CA ASP A 93 -21.08 2.50 -11.81
C ASP A 93 -22.51 3.09 -11.90
N ASP A 94 -22.81 4.06 -11.04
CA ASP A 94 -24.13 4.69 -11.02
C ASP A 94 -24.07 5.98 -10.22
N SER A 95 -24.86 6.96 -10.66
CA SER A 95 -24.96 8.24 -9.97
C SER A 95 -25.54 8.13 -8.56
N SER A 96 -26.28 7.06 -8.28
CA SER A 96 -26.74 6.78 -6.91
C SER A 96 -25.61 6.52 -5.91
N LYS A 97 -24.47 6.05 -6.44
CA LYS A 97 -23.25 5.82 -5.63
C LYS A 97 -22.32 7.04 -5.57
N GLY A 98 -22.73 8.14 -6.22
CA GLY A 98 -21.98 9.40 -6.22
C GLY A 98 -20.92 9.54 -7.30
N PHE A 99 -20.70 8.47 -8.07
CA PHE A 99 -19.67 8.49 -9.12
C PHE A 99 -19.97 7.35 -10.08
N ASP A 100 -19.67 7.57 -11.36
CA ASP A 100 -20.00 6.61 -12.41
C ASP A 100 -18.97 6.65 -13.56
N TYR A 101 -18.31 5.52 -13.79
CA TYR A 101 -17.32 5.37 -14.86
C TYR A 101 -17.86 5.66 -16.27
N LYS A 102 -19.14 5.38 -16.52
CA LYS A 102 -19.78 5.62 -17.82
C LYS A 102 -19.95 7.11 -18.18
N THR A 103 -20.16 7.96 -17.18
CA THR A 103 -20.54 9.36 -17.39
C THR A 103 -19.64 10.42 -16.74
N CYS A 104 -18.55 10.02 -16.08
CA CYS A 104 -17.64 10.98 -15.44
C CYS A 104 -16.77 11.67 -16.48
N ASN A 105 -16.25 12.84 -16.11
CA ASN A 105 -15.26 13.55 -16.91
C ASN A 105 -13.89 12.92 -16.71
N VAL A 106 -13.18 12.73 -17.82
CA VAL A 106 -11.77 12.32 -17.82
C VAL A 106 -10.98 13.37 -18.60
N LEU A 107 -10.06 14.06 -17.91
CA LEU A 107 -9.18 15.08 -18.47
C LEU A 107 -7.73 14.59 -18.45
N VAL A 108 -7.05 14.70 -19.59
CA VAL A 108 -5.67 14.23 -19.72
C VAL A 108 -4.75 15.43 -19.93
N ALA A 109 -3.84 15.65 -18.97
CA ALA A 109 -2.79 16.67 -19.08
C ALA A 109 -1.39 16.03 -19.04
N LEU A 110 -1.29 14.80 -19.54
CA LEU A 110 0.00 14.09 -19.60
C LEU A 110 0.84 14.61 -20.74
N GLU A 111 2.14 14.69 -20.51
CA GLU A 111 3.10 15.11 -21.54
C GLU A 111 4.00 13.92 -21.89
N GLN A 112 3.74 13.32 -23.04
CA GLN A 112 4.45 12.12 -23.50
C GLN A 112 5.51 12.43 -24.58
N GLN A 113 6.72 11.91 -24.39
CA GLN A 113 7.79 11.97 -25.39
C GLN A 113 8.18 10.55 -25.84
N SER A 114 8.66 10.46 -27.08
CA SER A 114 9.23 9.22 -27.62
C SER A 114 10.66 9.08 -27.06
N PRO A 115 11.12 7.83 -26.83
CA PRO A 115 12.48 7.68 -26.29
C PRO A 115 13.57 7.95 -27.34
N GLU A 127 22.37 -0.90 -19.20
CA GLU A 127 21.49 -0.22 -18.25
C GLU A 127 21.52 -0.80 -16.82
N GLU A 128 22.43 -1.74 -16.55
CA GLU A 128 22.73 -2.18 -15.18
C GLU A 128 23.10 -1.01 -14.27
N ASP A 129 23.89 -0.07 -14.80
CA ASP A 129 24.38 1.09 -14.04
C ASP A 129 23.62 2.39 -14.38
N ILE A 130 22.34 2.27 -14.73
CA ILE A 130 21.45 3.45 -14.90
C ILE A 130 21.44 4.29 -13.62
N GLY A 131 21.43 5.61 -13.77
CA GLY A 131 21.32 6.51 -12.64
C GLY A 131 19.95 6.42 -12.00
N ALA A 132 19.87 6.71 -10.71
CA ALA A 132 18.57 6.88 -10.04
C ALA A 132 17.81 8.01 -10.74
N GLY A 133 16.50 7.81 -10.90
CA GLY A 133 15.64 8.80 -11.54
C GLY A 133 15.41 10.07 -10.71
N ASP A 134 15.73 10.02 -9.42
CA ASP A 134 15.62 11.18 -8.54
C ASP A 134 16.50 10.97 -7.32
N GLN A 135 16.71 12.05 -6.56
CA GLN A 135 17.21 11.93 -5.20
C GLN A 135 16.07 11.47 -4.29
N GLY A 136 16.42 10.97 -3.12
CA GLY A 136 15.46 10.64 -2.08
C GLY A 136 15.98 9.60 -1.13
N LEU A 137 15.20 9.37 -0.08
CA LEU A 137 15.48 8.36 0.93
C LEU A 137 14.30 7.40 1.02
N MET A 138 14.59 6.15 1.37
CA MET A 138 13.58 5.10 1.42
C MET A 138 13.87 4.16 2.58
N PHE A 139 12.82 3.60 3.17
CA PHE A 139 12.94 2.67 4.29
C PHE A 139 12.25 1.35 4.00
N GLY A 140 12.86 0.28 4.49
CA GLY A 140 12.25 -1.05 4.53
C GLY A 140 12.13 -1.50 5.96
N TYR A 141 11.12 -2.32 6.24
CA TYR A 141 10.81 -2.80 7.58
C TYR A 141 10.28 -4.23 7.57
N ALA A 142 10.60 -4.99 8.61
CA ALA A 142 9.98 -6.31 8.87
C ALA A 142 9.96 -6.64 10.36
N THR A 143 8.96 -7.41 10.75
CA THR A 143 8.72 -7.76 12.15
C THR A 143 8.18 -9.18 12.22
N ASP A 144 8.70 -9.98 13.14
CA ASP A 144 8.30 -11.39 13.26
C ASP A 144 6.99 -11.62 14.03
N GLU A 145 6.23 -10.57 14.31
CA GLU A 145 4.97 -10.71 15.06
C GLU A 145 3.87 -11.42 14.28
N THR A 146 3.93 -11.36 12.95
CA THR A 146 3.07 -12.12 12.07
C THR A 146 3.90 -12.94 11.06
N GLU A 147 3.24 -13.90 10.44
CA GLU A 147 3.83 -14.82 9.45
C GLU A 147 4.30 -14.04 8.19
N GLU A 148 3.50 -13.06 7.77
CA GLU A 148 3.83 -12.18 6.63
C GLU A 148 4.84 -11.05 6.96
N CYS A 149 5.39 -11.07 8.18
CA CYS A 149 6.45 -10.18 8.64
C CYS A 149 6.04 -8.70 8.64
N MET A 150 4.79 -8.46 9.02
CA MET A 150 4.17 -7.14 9.01
C MET A 150 3.54 -6.87 10.38
N PRO A 151 3.39 -5.58 10.76
CA PRO A 151 2.67 -5.30 11.99
C PRO A 151 1.22 -5.78 11.97
N LEU A 152 0.74 -6.33 13.09
CA LEU A 152 -0.64 -6.82 13.15
C LEU A 152 -1.66 -5.71 12.93
N THR A 153 -1.34 -4.51 13.45
CA THR A 153 -2.26 -3.37 13.38
C THR A 153 -2.64 -3.08 11.93
N ILE A 154 -1.65 -3.00 11.04
CA ILE A 154 -1.86 -2.65 9.63
C ILE A 154 -2.44 -3.84 8.82
N VAL A 155 -1.98 -5.04 9.12
CA VAL A 155 -2.51 -6.26 8.49
C VAL A 155 -4.01 -6.43 8.73
N LEU A 156 -4.45 -6.28 9.98
CA LEU A 156 -5.89 -6.36 10.32
C LEU A 156 -6.70 -5.24 9.66
N ALA A 157 -6.18 -4.01 9.73
CA ALA A 157 -6.82 -2.87 9.08
C ALA A 157 -7.06 -3.12 7.58
N HIS A 158 -6.04 -3.61 6.88
CA HIS A 158 -6.17 -3.96 5.46
C HIS A 158 -7.23 -5.03 5.23
N LYS A 159 -7.16 -6.12 5.99
CA LYS A 159 -8.10 -7.24 5.87
C LYS A 159 -9.56 -6.89 6.15
N LEU A 160 -9.79 -5.90 7.02
CA LEU A 160 -11.14 -5.41 7.28
C LEU A 160 -11.72 -4.74 6.03
N ASN A 161 -10.92 -3.90 5.36
CA ASN A 161 -11.31 -3.30 4.07
C ASN A 161 -11.47 -4.32 2.95
N ALA A 162 -10.58 -5.32 2.90
CA ALA A 162 -10.71 -6.41 1.91
C ALA A 162 -11.99 -7.20 2.10
N LYS A 163 -12.32 -7.48 3.36
CA LYS A 163 -13.54 -8.17 3.74
C LYS A 163 -14.79 -7.39 3.32
N LEU A 164 -14.78 -6.08 3.54
CA LEU A 164 -15.88 -5.22 3.11
C LEU A 164 -16.10 -5.30 1.59
N ALA A 165 -15.01 -5.24 0.82
CA ALA A 165 -15.11 -5.32 -0.65
C ALA A 165 -15.65 -6.67 -1.13
N GLU A 166 -15.26 -7.75 -0.45
CA GLU A 166 -15.73 -9.12 -0.77
C GLU A 166 -17.23 -9.24 -0.58
N LEU A 167 -17.72 -8.74 0.55
CA LEU A 167 -19.14 -8.84 0.89
C LEU A 167 -20.01 -7.93 0.05
N ARG A 168 -19.46 -6.79 -0.38
CA ARG A 168 -20.09 -5.92 -1.37
C ARG A 168 -20.20 -6.61 -2.73
N ARG A 169 -19.07 -7.14 -3.21
CA ARG A 169 -18.99 -7.72 -4.56
C ARG A 169 -19.75 -9.05 -4.72
N ASN A 170 -19.85 -9.86 -3.66
CA ASN A 170 -20.60 -11.11 -3.73
C ASN A 170 -22.07 -11.00 -3.29
N GLY A 171 -22.52 -9.79 -2.96
CA GLY A 171 -23.92 -9.52 -2.65
C GLY A 171 -24.40 -9.89 -1.25
N THR A 172 -23.48 -10.23 -0.35
CA THR A 172 -23.86 -10.50 1.06
C THR A 172 -24.42 -9.26 1.75
N LEU A 173 -23.75 -8.12 1.56
CA LEU A 173 -24.19 -6.84 2.09
C LEU A 173 -24.37 -5.86 0.93
N PRO A 174 -25.49 -5.98 0.18
CA PRO A 174 -25.66 -5.17 -1.05
C PRO A 174 -25.74 -3.66 -0.80
N TRP A 175 -26.09 -3.27 0.42
CA TRP A 175 -26.06 -1.85 0.83
C TRP A 175 -24.67 -1.18 0.89
N LEU A 176 -23.59 -1.98 0.88
CA LEU A 176 -22.21 -1.44 0.95
C LEU A 176 -21.83 -0.75 -0.34
N ARG A 177 -21.10 0.36 -0.23
CA ARG A 177 -20.51 1.05 -1.38
C ARG A 177 -18.99 1.02 -1.24
N PRO A 178 -18.24 1.43 -2.29
CA PRO A 178 -16.79 1.15 -2.32
C PRO A 178 -15.89 1.94 -1.34
N ASP A 179 -16.31 3.11 -0.89
CA ASP A 179 -15.48 3.96 -0.02
C ASP A 179 -15.57 3.45 1.42
N SER A 180 -14.42 3.14 2.02
CA SER A 180 -14.33 2.67 3.40
C SER A 180 -13.01 3.09 4.08
N LYS A 181 -13.02 3.10 5.40
CA LYS A 181 -11.82 3.39 6.20
C LYS A 181 -11.90 2.55 7.46
N THR A 182 -10.76 2.00 7.87
CA THR A 182 -10.66 1.20 9.08
C THR A 182 -9.45 1.66 9.88
N GLN A 183 -9.49 1.40 11.19
CA GLN A 183 -8.39 1.74 12.07
C GLN A 183 -8.32 0.76 13.23
N VAL A 184 -7.13 0.23 13.49
CA VAL A 184 -6.95 -0.81 14.48
C VAL A 184 -5.88 -0.40 15.48
N THR A 185 -6.27 -0.41 16.75
CA THR A 185 -5.37 -0.13 17.86
C THR A 185 -5.12 -1.42 18.61
N VAL A 186 -3.86 -1.81 18.73
CA VAL A 186 -3.50 -3.05 19.41
C VAL A 186 -2.63 -2.72 20.62
N GLN A 187 -2.87 -3.45 21.72
CA GLN A 187 -2.01 -3.40 22.91
C GLN A 187 -0.89 -4.44 22.75
N TYR A 188 0.34 -3.95 22.89
CA TYR A 188 1.54 -4.78 22.76
C TYR A 188 2.27 -4.93 24.09
N MET A 189 3.06 -5.98 24.20
CA MET A 189 4.22 -5.98 25.09
C MET A 189 5.50 -6.09 24.26
N GLN A 190 6.60 -5.75 24.89
CA GLN A 190 7.91 -5.78 24.22
C GLN A 190 8.77 -6.88 24.83
N ASP A 191 9.59 -7.50 24.00
CA ASP A 191 10.48 -8.59 24.41
C ASP A 191 11.85 -8.39 23.73
N ARG A 192 12.80 -7.82 24.49
CA ARG A 192 14.15 -7.50 24.02
C ARG A 192 14.14 -6.85 22.62
N GLY A 193 13.39 -5.76 22.48
CA GLY A 193 13.29 -5.05 21.20
C GLY A 193 12.29 -5.57 20.18
N ALA A 194 11.91 -6.85 20.27
CA ALA A 194 10.78 -7.38 19.50
C ALA A 194 9.47 -6.95 20.15
N VAL A 195 8.37 -7.04 19.40
CA VAL A 195 7.03 -6.66 19.91
C VAL A 195 6.09 -7.85 19.81
N LEU A 196 5.20 -7.98 20.80
CA LEU A 196 4.26 -9.11 20.91
C LEU A 196 2.85 -8.57 21.11
N PRO A 197 1.95 -8.80 20.11
CA PRO A 197 0.54 -8.40 20.26
C PRO A 197 -0.18 -9.21 21.34
N ILE A 198 -0.92 -8.51 22.20
CA ILE A 198 -1.70 -9.14 23.28
C ILE A 198 -3.18 -9.20 22.90
N ARG A 199 -3.76 -8.04 22.59
CA ARG A 199 -5.20 -7.92 22.30
C ARG A 199 -5.49 -6.71 21.41
N VAL A 200 -6.59 -6.75 20.66
CA VAL A 200 -7.11 -5.55 20.00
C VAL A 200 -7.84 -4.66 21.02
N HIS A 201 -7.41 -3.40 21.11
CA HIS A 201 -7.92 -2.42 22.07
C HIS A 201 -9.11 -1.63 21.50
N THR A 202 -8.97 -1.14 20.27
CA THR A 202 -10.00 -0.36 19.60
C THR A 202 -10.02 -0.65 18.09
N ILE A 203 -11.23 -0.73 17.53
CA ILE A 203 -11.44 -0.83 16.08
C ILE A 203 -12.39 0.27 15.64
N VAL A 204 -12.00 0.99 14.59
CA VAL A 204 -12.90 1.95 13.91
C VAL A 204 -13.21 1.41 12.53
N ILE A 205 -14.47 1.52 12.10
CA ILE A 205 -14.86 1.26 10.70
C ILE A 205 -15.87 2.30 10.25
N SER A 206 -15.58 2.98 9.14
CA SER A 206 -16.53 3.90 8.50
C SER A 206 -16.65 3.47 7.05
N VAL A 207 -17.88 3.26 6.59
CA VAL A 207 -18.11 2.73 5.25
C VAL A 207 -19.33 3.38 4.61
N GLN A 208 -19.18 3.72 3.33
CA GLN A 208 -20.22 4.36 2.53
C GLN A 208 -21.36 3.38 2.30
N HIS A 209 -22.59 3.88 2.27
CA HIS A 209 -23.79 3.03 2.16
C HIS A 209 -24.96 3.69 1.43
N ASP A 210 -25.92 2.85 1.04
CA ASP A 210 -27.13 3.31 0.35
C ASP A 210 -28.09 4.05 1.30
N GLU A 211 -29.17 4.57 0.71
CA GLU A 211 -30.16 5.42 1.43
C GLU A 211 -31.10 4.60 2.33
N GLU A 212 -31.23 3.30 2.05
CA GLU A 212 -32.24 2.45 2.69
C GLU A 212 -31.79 1.80 4.00
N VAL A 213 -30.52 1.41 4.09
CA VAL A 213 -30.02 0.67 5.26
C VAL A 213 -29.95 1.56 6.51
N CYS A 214 -30.42 1.00 7.64
CA CYS A 214 -30.41 1.70 8.91
C CYS A 214 -29.11 1.43 9.65
N LEU A 215 -28.82 2.28 10.62
CA LEU A 215 -27.56 2.31 11.34
C LEU A 215 -27.31 1.07 12.22
N ASP A 216 -28.35 0.59 12.90
CA ASP A 216 -28.23 -0.58 13.76
C ASP A 216 -27.91 -1.86 12.96
N GLU A 217 -28.56 -2.03 11.81
CA GLU A 217 -28.26 -3.12 10.87
C GLU A 217 -26.80 -3.08 10.38
N MET A 218 -26.33 -1.90 10.00
CA MET A 218 -24.92 -1.69 9.60
C MET A 218 -23.95 -2.02 10.73
N ARG A 219 -24.22 -1.52 11.93
CA ARG A 219 -23.30 -1.74 13.04
C ARG A 219 -23.23 -3.21 13.44
N ASP A 220 -24.38 -3.86 13.49
CA ASP A 220 -24.47 -5.30 13.74
C ASP A 220 -23.67 -6.12 12.71
N ALA A 221 -23.87 -5.81 11.43
CA ALA A 221 -23.17 -6.50 10.33
C ALA A 221 -21.63 -6.27 10.33
N LEU A 222 -21.20 -5.06 10.66
CA LEU A 222 -19.78 -4.73 10.72
C LEU A 222 -19.07 -5.50 11.85
N LYS A 223 -19.77 -5.72 12.96
CA LYS A 223 -19.22 -6.52 14.06
C LYS A 223 -19.19 -8.02 13.75
N GLU A 224 -20.32 -8.56 13.29
CA GLU A 224 -20.49 -10.01 13.14
C GLU A 224 -19.90 -10.55 11.86
N LYS A 225 -20.19 -9.89 10.73
CA LYS A 225 -19.78 -10.38 9.41
C LYS A 225 -18.43 -9.86 8.94
N VAL A 226 -17.96 -8.73 9.47
CA VAL A 226 -16.66 -8.18 9.08
C VAL A 226 -15.60 -8.46 10.14
N ILE A 227 -15.74 -7.85 11.33
CA ILE A 227 -14.71 -7.92 12.37
C ILE A 227 -14.48 -9.35 12.87
N LYS A 228 -15.54 -10.04 13.27
CA LYS A 228 -15.43 -11.41 13.78
C LYS A 228 -14.99 -12.42 12.71
N ALA A 229 -15.18 -12.10 11.43
CA ALA A 229 -14.66 -12.91 10.33
C ALA A 229 -13.17 -12.65 10.06
N VAL A 230 -12.67 -11.50 10.50
CA VAL A 230 -11.30 -11.07 10.16
C VAL A 230 -10.31 -11.21 11.32
N VAL A 231 -10.69 -10.71 12.50
CA VAL A 231 -9.78 -10.64 13.63
C VAL A 231 -9.83 -11.96 14.41
N PRO A 232 -8.67 -12.64 14.60
CA PRO A 232 -8.68 -13.88 15.41
C PRO A 232 -9.31 -13.66 16.79
N ALA A 233 -10.20 -14.57 17.18
CA ALA A 233 -10.98 -14.42 18.43
C ALA A 233 -10.13 -14.27 19.70
N LYS A 234 -8.93 -14.84 19.70
CA LYS A 234 -7.99 -14.68 20.81
C LYS A 234 -7.54 -13.23 21.05
N TYR A 235 -7.66 -12.37 20.04
CA TYR A 235 -7.37 -10.93 20.19
C TYR A 235 -8.58 -10.06 20.60
N LEU A 236 -9.79 -10.60 20.54
CA LEU A 236 -11.00 -9.85 20.93
C LEU A 236 -11.50 -10.30 22.30
N ASP A 237 -11.85 -9.32 23.15
CA ASP A 237 -12.46 -9.60 24.46
C ASP A 237 -13.56 -8.58 24.75
N GLU A 238 -14.17 -8.67 25.94
CA GLU A 238 -15.34 -7.82 26.28
C GLU A 238 -15.01 -6.33 26.43
N ASP A 239 -13.74 -6.03 26.70
CA ASP A 239 -13.28 -4.62 26.79
C ASP A 239 -12.86 -3.98 25.46
N THR A 240 -12.90 -4.73 24.35
CA THR A 240 -12.53 -4.20 23.04
C THR A 240 -13.52 -3.09 22.67
N ILE A 241 -13.00 -1.92 22.30
CA ILE A 241 -13.83 -0.76 21.95
C ILE A 241 -14.15 -0.73 20.45
N TYR A 242 -15.44 -0.61 20.12
CA TYR A 242 -15.92 -0.63 18.74
C TYR A 242 -16.51 0.73 18.34
N HIS A 243 -15.84 1.41 17.42
CA HIS A 243 -16.37 2.65 16.81
C HIS A 243 -16.84 2.33 15.39
N LEU A 244 -18.12 2.00 15.25
CA LEU A 244 -18.70 1.54 13.98
C LEU A 244 -19.70 2.56 13.47
N GLN A 245 -19.49 3.03 12.24
CA GLN A 245 -20.13 4.24 11.66
C GLN A 245 -20.19 5.37 12.69
N PRO A 246 -19.03 5.73 13.27
CA PRO A 246 -19.01 6.68 14.39
C PRO A 246 -19.54 8.08 14.07
N SER A 247 -19.45 8.52 12.81
CA SER A 247 -20.01 9.82 12.42
C SER A 247 -21.53 9.79 12.13
N GLY A 248 -22.17 8.61 12.24
CA GLY A 248 -23.54 8.42 11.79
C GLY A 248 -23.55 8.07 10.31
N ARG A 249 -24.44 8.69 9.56
CA ARG A 249 -24.66 8.30 8.17
C ARG A 249 -23.63 8.89 7.19
N PHE A 250 -23.50 8.21 6.06
CA PHE A 250 -22.32 8.26 5.19
C PHE A 250 -22.78 7.76 3.82
N VAL A 251 -23.72 8.51 3.27
CA VAL A 251 -24.33 8.23 1.96
C VAL A 251 -23.46 8.87 0.88
N ILE A 252 -23.05 10.11 1.13
CA ILE A 252 -22.13 10.82 0.24
C ILE A 252 -20.72 10.34 0.53
N GLY A 253 -20.09 9.70 -0.46
CA GLY A 253 -18.74 9.16 -0.33
C GLY A 253 -18.00 9.28 -1.64
N GLY A 254 -16.87 8.60 -1.74
CA GLY A 254 -16.05 8.63 -2.96
C GLY A 254 -15.55 10.04 -3.27
N PRO A 255 -15.21 10.31 -4.54
CA PRO A 255 -14.78 11.64 -4.98
C PRO A 255 -15.78 12.79 -4.72
N GLN A 256 -17.08 12.48 -4.65
CA GLN A 256 -18.10 13.50 -4.32
C GLN A 256 -17.89 14.11 -2.91
N GLY A 257 -17.75 13.26 -1.91
CA GLY A 257 -17.51 13.71 -0.53
C GLY A 257 -16.12 14.25 -0.19
N ASP A 258 -15.12 13.89 -0.99
CA ASP A 258 -13.72 14.09 -0.60
C ASP A 258 -12.79 14.05 -1.83
N ALA A 259 -12.08 15.14 -2.11
CA ALA A 259 -11.09 15.15 -3.20
C ALA A 259 -9.97 14.15 -2.93
N GLY A 260 -9.48 13.52 -3.98
CA GLY A 260 -8.41 12.53 -3.86
C GLY A 260 -7.23 12.81 -4.78
N LEU A 261 -6.05 12.40 -4.32
CA LEU A 261 -4.81 12.58 -5.08
C LEU A 261 -3.94 11.34 -4.95
N THR A 262 -3.16 11.06 -5.97
CA THR A 262 -2.17 10.00 -5.93
C THR A 262 -1.13 10.28 -4.84
N GLY A 263 -0.77 9.23 -4.11
CA GLY A 263 0.31 9.31 -3.16
C GLY A 263 -0.06 10.06 -1.90
N ARG A 264 -1.32 9.94 -1.47
CA ARG A 264 -1.79 10.53 -0.21
C ARG A 264 -2.18 9.47 0.81
N LYS A 265 -1.76 8.22 0.56
CA LYS A 265 -1.94 7.13 1.50
C LYS A 265 -0.65 6.31 1.65
N ILE A 266 0.48 7.00 1.83
CA ILE A 266 1.81 6.35 1.77
C ILE A 266 2.13 5.48 3.01
N ILE A 267 1.49 5.78 4.13
CA ILE A 267 1.66 5.02 5.37
C ILE A 267 0.72 3.80 5.36
N VAL A 268 -0.46 3.97 4.78
CA VAL A 268 -1.33 2.85 4.45
C VAL A 268 -0.64 1.87 3.49
N ASP A 269 0.10 2.41 2.53
CA ASP A 269 0.78 1.59 1.52
C ASP A 269 1.96 0.76 2.04
N THR A 270 2.50 1.14 3.21
CA THR A 270 3.74 0.62 3.72
C THR A 270 3.50 -0.06 5.08
N TYR A 271 3.81 0.61 6.20
CA TYR A 271 3.86 -0.08 7.51
C TYR A 271 2.95 0.49 8.63
N GLY A 272 2.05 1.39 8.28
CA GLY A 272 1.02 1.84 9.23
C GLY A 272 1.48 2.63 10.45
N GLY A 273 2.61 3.34 10.32
CA GLY A 273 3.18 4.13 11.42
C GLY A 273 4.43 3.48 11.99
N TRP A 274 4.55 2.17 11.82
CA TRP A 274 5.73 1.42 12.26
C TRP A 274 6.90 1.69 11.32
N GLY A 275 8.10 1.38 11.76
CA GLY A 275 9.29 1.60 10.94
C GLY A 275 9.44 3.07 10.63
N ALA A 276 9.61 3.42 9.35
CA ALA A 276 9.79 4.81 8.92
C ALA A 276 9.44 4.98 7.45
N HIS A 277 9.36 6.22 6.98
CA HIS A 277 9.06 6.53 5.57
C HIS A 277 9.91 7.70 5.08
N GLY A 278 10.34 7.62 3.82
CA GLY A 278 11.15 8.67 3.19
C GLY A 278 10.42 9.80 2.46
N GLY A 279 9.08 9.73 2.43
CA GLY A 279 8.24 10.70 1.74
C GLY A 279 7.71 10.38 0.36
N GLY A 280 8.35 9.44 -0.34
CA GLY A 280 8.01 9.17 -1.72
C GLY A 280 6.77 8.31 -1.91
N ALA A 281 5.91 8.66 -2.86
CA ALA A 281 4.77 7.83 -3.25
C ALA A 281 5.23 6.71 -4.20
N PHE A 282 4.41 5.67 -4.32
CA PHE A 282 4.69 4.51 -5.16
C PHE A 282 3.98 4.55 -6.52
N SER A 283 2.67 4.80 -6.49
CA SER A 283 1.83 4.59 -7.67
C SER A 283 2.09 5.58 -8.79
N GLY A 284 1.96 5.12 -10.03
CA GLY A 284 2.23 5.94 -11.21
C GLY A 284 3.69 6.06 -11.60
N LYS A 285 4.56 5.25 -10.99
CA LYS A 285 6.02 5.37 -11.17
C LYS A 285 6.67 4.08 -11.65
N ASP A 286 7.54 4.21 -12.64
CA ASP A 286 8.36 3.10 -13.15
C ASP A 286 9.59 2.84 -12.26
N TYR A 287 10.33 1.78 -12.60
CA TYR A 287 11.47 1.30 -11.80
C TYR A 287 12.58 2.31 -11.56
N THR A 288 12.77 3.26 -12.47
CA THR A 288 13.84 4.25 -12.30
C THR A 288 13.54 5.19 -11.16
N LYS A 289 12.25 5.36 -10.83
CA LYS A 289 11.85 6.10 -9.65
C LYS A 289 12.12 5.28 -8.40
N VAL A 290 13.30 5.46 -7.82
CA VAL A 290 13.71 4.73 -6.61
C VAL A 290 12.76 4.86 -5.42
N ASP A 291 11.92 5.91 -5.39
CA ASP A 291 10.81 5.97 -4.43
C ASP A 291 10.08 4.62 -4.30
N ARG A 292 9.82 4.02 -5.46
CA ARG A 292 9.16 2.74 -5.51
C ARG A 292 10.17 1.59 -5.42
N SER A 293 11.07 1.52 -6.40
CA SER A 293 11.93 0.34 -6.57
C SER A 293 12.82 0.07 -5.36
N ALA A 294 13.41 1.12 -4.81
CA ALA A 294 14.31 1.00 -3.66
C ALA A 294 13.58 0.75 -2.36
N ALA A 295 12.35 1.24 -2.24
CA ALA A 295 11.52 0.89 -1.08
C ALA A 295 11.14 -0.59 -1.12
N TYR A 296 10.78 -1.08 -2.29
CA TYR A 296 10.48 -2.50 -2.49
C TYR A 296 11.69 -3.36 -2.17
N ALA A 297 12.86 -2.97 -2.66
CA ALA A 297 14.11 -3.66 -2.34
C ALA A 297 14.47 -3.62 -0.86
N ALA A 298 14.24 -2.50 -0.20
CA ALA A 298 14.58 -2.40 1.23
C ALA A 298 13.68 -3.29 2.08
N ARG A 299 12.40 -3.42 1.69
CA ARG A 299 11.48 -4.42 2.25
C ARG A 299 12.03 -5.83 2.08
N TRP A 300 12.49 -6.10 0.86
CA TRP A 300 13.10 -7.39 0.50
C TRP A 300 14.32 -7.70 1.37
N VAL A 301 15.18 -6.70 1.57
CA VAL A 301 16.31 -6.83 2.47
C VAL A 301 15.85 -7.09 3.90
N ALA A 302 14.91 -6.28 4.39
CA ALA A 302 14.41 -6.38 5.77
C ALA A 302 13.77 -7.73 6.04
N LYS A 303 12.94 -8.16 5.11
CA LYS A 303 12.29 -9.48 5.20
C LYS A 303 13.31 -10.62 5.14
N SER A 304 14.33 -10.50 4.29
CA SER A 304 15.39 -11.52 4.17
C SER A 304 16.21 -11.66 5.46
N LEU A 305 16.47 -10.55 6.14
CA LEU A 305 17.16 -10.58 7.42
C LEU A 305 16.33 -11.25 8.53
N VAL A 306 15.03 -10.98 8.60
CA VAL A 306 14.16 -11.62 9.61
C VAL A 306 13.95 -13.11 9.29
N LYS A 307 13.53 -13.42 8.07
CA LYS A 307 13.28 -14.83 7.69
C LYS A 307 14.56 -15.71 7.70
N GLY A 308 15.72 -15.09 7.53
CA GLY A 308 17.01 -15.77 7.69
C GLY A 308 17.49 -15.94 9.13
N GLY A 309 16.70 -15.47 10.10
CA GLY A 309 17.01 -15.64 11.52
C GLY A 309 18.07 -14.70 12.08
N LEU A 310 18.46 -13.67 11.33
CA LEU A 310 19.49 -12.75 11.82
C LEU A 310 18.94 -11.73 12.81
N CYS A 311 17.65 -11.45 12.72
CA CYS A 311 16.97 -10.59 13.70
C CYS A 311 15.48 -10.90 13.74
N ARG A 312 14.78 -10.31 14.71
CA ARG A 312 13.32 -10.42 14.84
C ARG A 312 12.55 -9.21 14.27
N ARG A 313 13.24 -8.06 14.21
CA ARG A 313 12.64 -6.82 13.81
C ARG A 313 13.78 -5.97 13.23
N VAL A 314 13.55 -5.29 12.12
CA VAL A 314 14.63 -4.56 11.47
C VAL A 314 14.15 -3.44 10.57
N LEU A 315 14.87 -2.32 10.61
CA LEU A 315 14.60 -1.16 9.78
C LEU A 315 15.82 -0.91 8.90
N VAL A 316 15.58 -0.68 7.61
CA VAL A 316 16.64 -0.47 6.63
C VAL A 316 16.40 0.88 5.97
N GLN A 317 17.38 1.77 5.95
CA GLN A 317 17.31 3.02 5.16
C GLN A 317 18.25 2.91 3.97
N VAL A 318 17.80 3.45 2.83
CA VAL A 318 18.68 3.75 1.69
C VAL A 318 18.44 5.19 1.21
N SER A 319 19.41 5.74 0.49
CA SER A 319 19.25 7.03 -0.16
C SER A 319 20.01 7.09 -1.48
N TYR A 320 19.58 8.00 -2.34
CA TYR A 320 20.10 8.16 -3.70
C TYR A 320 20.25 9.64 -4.08
N ALA A 321 21.14 9.88 -5.04
CA ALA A 321 21.21 11.15 -5.77
C ALA A 321 20.75 10.90 -7.20
N ILE A 322 19.96 11.82 -7.76
CA ILE A 322 19.61 11.78 -9.19
C ILE A 322 20.85 11.75 -10.10
N GLY A 323 20.83 10.83 -11.08
CA GLY A 323 21.93 10.63 -12.02
C GLY A 323 23.04 9.70 -11.54
N VAL A 324 22.96 9.25 -10.28
CA VAL A 324 23.97 8.37 -9.67
C VAL A 324 23.33 7.02 -9.37
N SER A 325 24.02 5.93 -9.70
CA SER A 325 23.45 4.59 -9.62
C SER A 325 23.48 3.97 -8.23
N HIS A 326 24.63 4.03 -7.56
CA HIS A 326 24.79 3.41 -6.24
C HIS A 326 24.13 4.25 -5.14
N PRO A 327 23.52 3.58 -4.15
CA PRO A 327 23.00 4.35 -3.02
C PRO A 327 24.08 5.20 -2.34
N LEU A 328 23.70 6.40 -1.92
CA LEU A 328 24.59 7.28 -1.16
C LEU A 328 24.84 6.76 0.25
N SER A 329 23.84 6.10 0.84
CA SER A 329 23.91 5.58 2.21
C SER A 329 23.07 4.32 2.35
N ILE A 330 23.49 3.44 3.26
CA ILE A 330 22.71 2.26 3.66
C ILE A 330 22.85 2.12 5.17
N SER A 331 21.72 1.96 5.85
CA SER A 331 21.71 1.87 7.30
C SER A 331 20.78 0.75 7.78
N ILE A 332 21.24 0.00 8.79
CA ILE A 332 20.46 -1.07 9.40
C ILE A 332 20.24 -0.80 10.90
N PHE A 333 18.98 -0.90 11.35
CA PHE A 333 18.64 -0.77 12.76
C PHE A 333 17.85 -2.00 13.20
N HIS A 334 18.38 -2.76 14.16
CA HIS A 334 17.78 -4.05 14.52
C HIS A 334 17.00 -4.07 15.86
N TYR A 335 16.84 -2.89 16.48
CA TYR A 335 16.08 -2.73 17.73
C TYR A 335 16.59 -3.52 18.94
N GLY A 336 17.87 -3.89 18.92
CA GLY A 336 18.44 -4.89 19.85
C GLY A 336 18.04 -6.36 19.69
N THR A 337 17.47 -6.74 18.54
CA THR A 337 16.96 -8.10 18.32
C THR A 337 17.90 -9.04 17.56
N SER A 338 19.18 -8.68 17.45
CA SER A 338 20.18 -9.54 16.82
C SER A 338 21.35 -9.72 17.78
N GLN A 339 22.01 -10.87 17.66
CA GLN A 339 23.27 -11.12 18.34
C GLN A 339 24.43 -10.44 17.59
N LYS A 340 24.23 -10.19 16.31
CA LYS A 340 25.19 -9.45 15.51
C LYS A 340 24.96 -7.95 15.67
N SER A 341 26.03 -7.19 15.53
CA SER A 341 25.98 -5.74 15.55
C SER A 341 25.29 -5.24 14.27
N GLU A 342 24.81 -4.01 14.33
CA GLU A 342 24.24 -3.37 13.15
C GLU A 342 25.29 -3.22 12.04
N ARG A 343 26.56 -3.02 12.41
CA ARG A 343 27.64 -2.94 11.43
C ARG A 343 27.82 -4.29 10.71
N GLU A 344 27.71 -5.38 11.47
CA GLU A 344 27.80 -6.73 10.88
C GLU A 344 26.66 -7.03 9.91
N LEU A 345 25.43 -6.65 10.29
CA LEU A 345 24.28 -6.81 9.40
C LEU A 345 24.40 -5.98 8.12
N LEU A 346 24.96 -4.77 8.22
CA LEU A 346 25.23 -3.93 7.06
C LEU A 346 26.20 -4.61 6.07
N GLU A 347 27.28 -5.22 6.59
CA GLU A 347 28.26 -5.95 5.78
C GLU A 347 27.60 -7.14 5.06
N ILE A 348 26.74 -7.87 5.77
CA ILE A 348 25.98 -8.97 5.16
C ILE A 348 25.05 -8.48 4.03
N VAL A 349 24.44 -7.31 4.23
CA VAL A 349 23.52 -6.74 3.23
C VAL A 349 24.32 -6.38 1.98
N LYS A 350 25.41 -5.64 2.17
CA LYS A 350 26.32 -5.24 1.09
C LYS A 350 26.86 -6.42 0.27
N LYS A 351 27.18 -7.52 0.95
CA LYS A 351 27.68 -8.73 0.27
C LYS A 351 26.60 -9.50 -0.49
N ASN A 352 25.34 -9.35 -0.11
CA ASN A 352 24.22 -10.12 -0.70
C ASN A 352 23.26 -9.35 -1.60
N PHE A 353 23.33 -8.02 -1.58
CA PHE A 353 22.38 -7.18 -2.31
C PHE A 353 23.11 -6.06 -3.06
N ASP A 354 22.71 -5.85 -4.31
CA ASP A 354 23.15 -4.72 -5.13
C ASP A 354 21.92 -3.83 -5.29
N LEU A 355 21.93 -2.66 -4.66
CA LEU A 355 20.73 -1.79 -4.60
C LEU A 355 20.74 -0.63 -5.62
N ARG A 356 21.46 -0.79 -6.72
CA ARG A 356 21.28 0.09 -7.88
C ARG A 356 19.96 -0.21 -8.58
N PRO A 357 19.29 0.83 -9.13
CA PRO A 357 17.99 0.63 -9.78
C PRO A 357 18.01 -0.37 -10.95
N GLY A 358 19.09 -0.35 -11.72
CA GLY A 358 19.27 -1.25 -12.87
C GLY A 358 19.47 -2.71 -12.54
N VAL A 359 19.76 -3.04 -11.27
CA VAL A 359 19.85 -4.42 -10.80
C VAL A 359 18.57 -4.84 -10.07
N ILE A 360 18.07 -3.98 -9.20
CA ILE A 360 16.77 -4.22 -8.54
C ILE A 360 15.69 -4.56 -9.58
N VAL A 361 15.70 -3.84 -10.72
CA VAL A 361 14.74 -4.09 -11.80
C VAL A 361 14.76 -5.55 -12.28
N ARG A 362 15.94 -6.16 -12.42
CA ARG A 362 16.08 -7.59 -12.78
C ARG A 362 15.65 -8.51 -11.64
N ASP A 363 16.17 -8.25 -10.44
CA ASP A 363 15.87 -9.08 -9.27
C ASP A 363 14.38 -9.12 -8.90
N LEU A 364 13.69 -7.99 -9.05
CA LEU A 364 12.28 -7.87 -8.66
C LEU A 364 11.30 -7.81 -9.83
N ASP A 365 11.81 -7.91 -11.06
CA ASP A 365 10.99 -8.07 -12.26
C ASP A 365 10.04 -6.86 -12.47
N LEU A 366 10.59 -5.66 -12.29
CA LEU A 366 9.79 -4.42 -12.20
C LEU A 366 9.33 -3.80 -13.55
N LYS A 367 9.65 -4.42 -14.67
CA LYS A 367 9.10 -4.01 -15.96
C LYS A 367 7.78 -4.72 -16.26
N LYS A 368 7.45 -5.75 -15.49
CA LYS A 368 6.20 -6.46 -15.69
C LYS A 368 5.02 -5.61 -15.23
N PRO A 369 3.90 -5.65 -15.98
CA PRO A 369 2.75 -4.78 -15.66
C PRO A 369 1.89 -5.38 -14.55
N ILE A 370 2.42 -5.34 -13.33
CA ILE A 370 1.78 -5.95 -12.15
C ILE A 370 1.32 -4.92 -11.10
N TYR A 371 1.40 -3.63 -11.43
CA TYR A 371 1.31 -2.56 -10.42
C TYR A 371 -0.09 -2.17 -9.94
N GLN A 372 -1.12 -2.28 -10.77
CA GLN A 372 -2.48 -1.97 -10.33
C GLN A 372 -2.91 -2.82 -9.11
N ARG A 373 -2.46 -4.07 -9.06
CA ARG A 373 -2.74 -4.96 -7.93
C ARG A 373 -2.04 -4.58 -6.62
N THR A 374 -1.01 -3.74 -6.68
CA THR A 374 -0.33 -3.24 -5.47
C THR A 374 -1.03 -2.03 -4.83
N ALA A 375 -1.92 -1.36 -5.57
CA ALA A 375 -2.41 -0.01 -5.21
C ALA A 375 -3.54 0.04 -4.18
N ALA A 376 -4.00 -1.11 -3.69
CA ALA A 376 -4.87 -1.15 -2.52
C ALA A 376 -4.46 -2.31 -1.63
N TYR A 377 -4.76 -2.16 -0.34
CA TYR A 377 -4.48 -3.17 0.69
C TYR A 377 -2.99 -3.32 1.02
N GLY A 378 -2.18 -2.31 0.70
CA GLY A 378 -0.77 -2.30 1.03
C GLY A 378 0.07 -2.98 -0.04
N HIS A 379 1.30 -2.53 -0.17
CA HIS A 379 2.25 -3.10 -1.13
C HIS A 379 3.06 -4.25 -0.54
N PHE A 380 3.01 -4.38 0.79
CA PHE A 380 3.77 -5.40 1.50
C PHE A 380 2.89 -6.37 2.30
N GLY A 381 3.44 -7.56 2.51
CA GLY A 381 2.80 -8.61 3.29
C GLY A 381 1.69 -9.42 2.63
N ARG A 382 1.66 -9.47 1.30
CA ARG A 382 0.65 -10.28 0.59
C ARG A 382 1.06 -10.75 -0.81
N ASP A 383 0.32 -11.74 -1.32
CA ASP A 383 0.40 -12.19 -2.74
C ASP A 383 1.77 -12.70 -3.26
N SER A 384 2.75 -12.88 -2.37
CA SER A 384 4.11 -13.31 -2.76
C SER A 384 4.67 -12.64 -4.03
N PHE A 385 4.52 -11.31 -4.12
CA PHE A 385 5.25 -10.49 -5.12
C PHE A 385 6.74 -10.74 -4.89
N PRO A 386 7.59 -10.53 -5.91
CA PRO A 386 9.03 -10.89 -5.77
C PRO A 386 9.76 -10.33 -4.52
N TRP A 387 9.36 -9.15 -4.08
CA TRP A 387 9.98 -8.50 -2.90
C TRP A 387 9.52 -9.11 -1.58
N GLU A 388 8.48 -9.94 -1.62
CA GLU A 388 8.03 -10.74 -0.46
C GLU A 388 8.63 -12.16 -0.37
N VAL A 389 9.39 -12.58 -1.39
CA VAL A 389 10.08 -13.87 -1.40
C VAL A 389 11.50 -13.64 -0.90
N PRO A 390 11.83 -14.12 0.31
CA PRO A 390 13.15 -13.75 0.88
C PRO A 390 14.36 -14.30 0.11
N LYS A 391 15.46 -13.56 0.10
CA LYS A 391 16.71 -14.03 -0.51
C LYS A 391 17.46 -14.89 0.50
N LYS A 392 17.99 -16.01 0.04
CA LYS A 392 18.85 -16.87 0.89
C LYS A 392 20.22 -16.18 0.99
N LEU A 393 20.67 -15.94 2.22
CA LEU A 393 21.84 -15.09 2.46
C LEU A 393 23.12 -15.90 2.69
N LYS A 394 24.17 -15.57 1.96
CA LYS A 394 25.50 -16.14 2.16
C LYS A 394 26.29 -15.27 3.14
N TYR A 395 26.83 -15.89 4.18
CA TYR A 395 27.69 -15.19 5.15
C TYR A 395 28.48 -16.21 5.97
#